data_6C6A
#
_entry.id   6C6A
#
_cell.length_a   42.171
_cell.length_b   106.150
_cell.length_c   107.037
_cell.angle_alpha   90.000
_cell.angle_beta   90.000
_cell.angle_gamma   90.000
#
_symmetry.space_group_name_H-M   'P 21 21 21'
#
loop_
_entity.id
_entity.type
_entity.pdbx_description
1 polymer 'Antigen-presenting glycoprotein CD1d1'
2 polymer Beta-2-microglobulin
3 branched 2-acetamido-2-deoxy-beta-D-glucopyranose-(1-4)-2-acetamido-2-deoxy-beta-D-glucopyranose
4 non-polymer 2-acetamido-2-deoxy-beta-D-glucopyranose
5 non-polymer 'N-[(2S,3S,4R)-3,4-dihydroxy-8-oxo-8-[(6-phenylhexyl)amino]-1-{[(2S,3R,4S,5R,6R)-3,4,5-trihydroxy-6-(hydroxymethyl)tetrahydro-2H-pyran-2-yl]oxy}octan-2-yl]heptadecanamide (non-preferred name)'
6 water water
#
loop_
_entity_poly.entity_id
_entity_poly.type
_entity_poly.pdbx_seq_one_letter_code
_entity_poly.pdbx_strand_id
1 'polypeptide(L)'
;SEAQQKNYTFRCLQMSSFANRSWSRTDSVVWLGDLQTHRWSNDSATISFTKPWSQGKLSNQQWEKLQHMFQVYRVSFTRD
IQELVKMMSPKEDYPIEIQLSAGCEMYPGNASESFLHVAFQGKYVVRFWGTSWQTVPGAPSWLDLPIKVLNADQGTSATV
QMLLNDTCPLFVRGLLEAGKSDLEKQEKPVAWLSSVPSSAHGHRQLVCHVSGFYPKPVWVMWMRGDQEQQGTHRGDFLPN
ADETWYLQATLDVEAGEEAGLACRVKHSSLGGQDIILYWHHHHHH
;
A
2 'polypeptide(L)'
;IQKTPQIQVYSRHPPENGKPNILNCYVTQFHPPHIEIQMLKNGKKIPKVEMSDMSFSKDWSFYILAHTEFTPTETDTYAC
RVKHASMAEPKTVYWDRDM
;
B
#
loop_
_chem_comp.id
_chem_comp.type
_chem_comp.name
_chem_comp.formula
EL7 non-polymer 'N-[(2S,3S,4R)-3,4-dihydroxy-8-oxo-8-[(6-phenylhexyl)amino]-1-{[(2S,3R,4S,5R,6R)-3,4,5-trihydroxy-6-(hydroxymethyl)tetrahydro-2H-pyran-2-yl]oxy}octan-2-yl]heptadecanamide (non-preferred name)' 'C43 H76 N2 O10'
NAG D-saccharide, beta linking 2-acetamido-2-deoxy-beta-D-glucopyranose 'C8 H15 N O6'
#
# COMPACT_ATOMS: atom_id res chain seq x y z
N ASN A 7 19.24 1.01 -1.94
CA ASN A 7 18.46 0.26 -2.97
C ASN A 7 16.93 0.55 -2.90
N TYR A 8 16.46 1.54 -3.66
CA TYR A 8 15.08 2.03 -3.58
C TYR A 8 14.30 1.80 -4.85
N THR A 9 13.00 1.54 -4.72
CA THR A 9 12.09 1.50 -5.85
C THR A 9 11.18 2.73 -5.81
N PHE A 10 11.24 3.53 -6.86
CA PHE A 10 10.35 4.68 -7.09
C PHE A 10 9.22 4.18 -7.96
N ARG A 11 7.98 4.28 -7.49
CA ARG A 11 6.81 3.85 -8.27
C ARG A 11 5.69 4.89 -8.21
N CYS A 12 5.28 5.33 -9.39
CA CYS A 12 4.09 6.15 -9.58
C CYS A 12 2.97 5.23 -10.00
N LEU A 13 1.88 5.28 -9.25
CA LEU A 13 0.77 4.38 -9.41
C LEU A 13 -0.44 5.18 -9.81
N GLN A 14 -1.06 4.82 -10.94
CA GLN A 14 -2.28 5.48 -11.41
C GLN A 14 -3.43 4.49 -11.36
N MET A 15 -4.59 4.95 -10.89
CA MET A 15 -5.79 4.14 -10.79
C MET A 15 -6.92 4.88 -11.52
N SER A 16 -7.38 4.30 -12.63
CA SER A 16 -8.42 4.90 -13.43
C SER A 16 -9.64 3.98 -13.48
N SER A 17 -10.80 4.54 -13.15
CA SER A 17 -12.07 3.81 -13.12
C SER A 17 -13.01 4.44 -14.13
N PHE A 18 -13.57 3.60 -14.99
CA PHE A 18 -14.58 4.03 -15.96
C PHE A 18 -15.85 3.22 -15.73
N ALA A 19 -16.87 3.86 -15.18
CA ALA A 19 -18.15 3.23 -14.85
C ALA A 19 -19.17 3.29 -16.00
N ASN A 20 -19.14 4.38 -16.76
CA ASN A 20 -19.99 4.53 -17.96
C ASN A 20 -19.42 5.63 -18.88
N ARG A 21 -20.06 5.87 -20.03
CA ARG A 21 -19.62 6.92 -20.97
C ARG A 21 -19.47 8.33 -20.35
N SER A 22 -20.19 8.60 -19.25
CA SER A 22 -20.15 9.92 -18.58
C SER A 22 -19.41 9.99 -17.22
N TRP A 23 -18.94 8.86 -16.67
CA TRP A 23 -18.31 8.85 -15.33
C TRP A 23 -16.95 8.16 -15.33
N SER A 24 -15.91 8.88 -14.94
CA SER A 24 -14.58 8.31 -14.78
C SER A 24 -13.74 9.15 -13.80
N ARG A 25 -12.86 8.51 -13.05
CA ARG A 25 -11.92 9.24 -12.23
C ARG A 25 -10.59 8.59 -12.34
N THR A 26 -9.56 9.40 -12.19
CA THR A 26 -8.18 8.95 -12.21
C THR A 26 -7.50 9.56 -11.01
N ASP A 27 -6.88 8.70 -10.19
CA ASP A 27 -6.15 9.12 -9.00
C ASP A 27 -4.77 8.49 -9.03
N SER A 28 -3.76 9.20 -8.54
CA SER A 28 -2.41 8.64 -8.47
C SER A 28 -1.81 8.83 -7.09
N VAL A 29 -0.81 7.99 -6.81
CA VAL A 29 0.03 8.11 -5.62
C VAL A 29 1.45 7.80 -6.04
N VAL A 30 2.43 8.39 -5.38
CA VAL A 30 3.81 8.08 -5.71
C VAL A 30 4.52 7.64 -4.44
N TRP A 31 5.32 6.58 -4.56
CA TRP A 31 6.06 6.02 -3.45
C TRP A 31 7.53 6.00 -3.80
N LEU A 32 8.36 6.37 -2.84
CA LEU A 32 9.78 6.13 -2.90
C LEU A 32 10.05 5.15 -1.76
N GLY A 33 10.35 3.90 -2.11
CA GLY A 33 10.36 2.81 -1.14
C GLY A 33 8.99 2.72 -0.52
N ASP A 34 8.95 2.72 0.81
CA ASP A 34 7.69 2.65 1.56
C ASP A 34 7.15 4.01 2.10
N LEU A 35 7.71 5.13 1.62
CA LEU A 35 7.20 6.46 1.98
C LEU A 35 6.49 7.12 0.79
N GLN A 36 5.30 7.67 1.04
CA GLN A 36 4.55 8.36 0.01
C GLN A 36 5.14 9.74 -0.21
N THR A 37 5.43 10.06 -1.47
CA THR A 37 5.97 11.37 -1.87
C THR A 37 4.95 12.28 -2.54
N HIS A 38 4.00 11.71 -3.28
CA HIS A 38 2.98 12.50 -3.96
C HIS A 38 1.60 11.85 -3.91
N ARG A 39 0.57 12.68 -3.99
CA ARG A 39 -0.76 12.23 -4.39
C ARG A 39 -1.35 13.16 -5.45
N TRP A 40 -2.17 12.60 -6.32
CA TRP A 40 -2.83 13.40 -7.34
C TRP A 40 -4.25 12.90 -7.50
N SER A 41 -5.14 13.52 -6.74
CA SER A 41 -6.55 13.20 -6.77
C SER A 41 -7.18 13.70 -8.06
N ASN A 42 -8.23 13.01 -8.51
CA ASN A 42 -9.07 13.48 -9.63
C ASN A 42 -9.63 14.89 -9.40
N ASP A 43 -9.85 15.24 -8.13
CA ASP A 43 -10.39 16.54 -7.74
C ASP A 43 -9.42 17.73 -7.95
N SER A 44 -8.10 17.52 -7.98
CA SER A 44 -7.11 18.61 -8.14
C SER A 44 -6.53 18.74 -9.53
N ALA A 45 -6.34 19.98 -9.97
CA ALA A 45 -5.58 20.27 -11.17
C ALA A 45 -4.10 19.93 -10.94
N THR A 46 -3.60 20.29 -9.76
CA THR A 46 -2.17 20.13 -9.44
C THR A 46 -1.86 18.88 -8.62
N ILE A 47 -0.65 18.36 -8.82
CA ILE A 47 -0.13 17.25 -8.02
C ILE A 47 0.23 17.81 -6.65
N SER A 48 -0.05 17.07 -5.59
CA SER A 48 0.20 17.53 -4.22
C SER A 48 1.41 16.80 -3.67
N PHE A 49 2.23 17.51 -2.90
CA PHE A 49 3.36 16.91 -2.18
C PHE A 49 2.92 16.36 -0.83
N THR A 50 3.41 15.19 -0.47
CA THR A 50 3.20 14.62 0.87
C THR A 50 4.49 14.56 1.68
N LYS A 51 5.54 15.21 1.19
CA LYS A 51 6.77 15.42 1.94
C LYS A 51 7.26 16.85 1.66
N PRO A 52 8.05 17.44 2.59
CA PRO A 52 8.70 18.73 2.30
C PRO A 52 9.71 18.69 1.16
N TRP A 53 10.27 17.53 0.91
CA TRP A 53 11.30 17.30 -0.13
C TRP A 53 10.77 16.66 -1.43
N SER A 54 9.45 16.68 -1.64
CA SER A 54 8.84 15.95 -2.76
C SER A 54 9.18 16.49 -4.15
N GLN A 55 9.72 17.70 -4.23
CA GLN A 55 10.15 18.27 -5.50
C GLN A 55 11.54 17.80 -5.91
N GLY A 56 12.24 17.07 -5.03
CA GLY A 56 13.59 16.60 -5.29
C GLY A 56 14.52 17.78 -5.45
N LYS A 57 15.43 17.70 -6.42
CA LYS A 57 16.33 18.81 -6.74
C LYS A 57 15.94 19.61 -8.00
N LEU A 58 14.71 19.41 -8.48
CA LEU A 58 14.20 20.11 -9.66
C LEU A 58 13.76 21.52 -9.30
N SER A 59 14.01 22.47 -10.21
CA SER A 59 13.57 23.85 -10.04
C SER A 59 12.08 23.93 -10.27
N ASN A 60 11.49 25.04 -9.87
CA ASN A 60 10.05 25.24 -10.08
C ASN A 60 9.69 25.20 -11.59
N GLN A 61 10.56 25.75 -12.45
CA GLN A 61 10.44 25.68 -13.91
C GLN A 61 10.35 24.22 -14.38
N GLN A 62 11.31 23.39 -13.97
CA GLN A 62 11.34 21.98 -14.37
C GLN A 62 10.11 21.20 -13.85
N TRP A 63 9.72 21.45 -12.60
CA TRP A 63 8.55 20.81 -12.01
C TRP A 63 7.26 21.20 -12.76
N GLU A 64 7.04 22.49 -12.98
CA GLU A 64 5.86 22.97 -13.73
C GLU A 64 5.76 22.31 -15.10
N LYS A 65 6.91 22.19 -15.79
CA LYS A 65 6.96 21.58 -17.12
C LYS A 65 6.59 20.10 -17.06
N LEU A 66 7.12 19.40 -16.06
CA LEU A 66 6.80 18.00 -15.82
C LEU A 66 5.31 17.78 -15.46
N GLN A 67 4.82 18.58 -14.51
CA GLN A 67 3.41 18.59 -14.12
C GLN A 67 2.50 18.93 -15.27
N HIS A 68 2.93 19.88 -16.09
CA HIS A 68 2.11 20.27 -17.20
C HIS A 68 1.89 19.09 -18.15
N MET A 69 2.95 18.36 -18.45
CA MET A 69 2.82 17.20 -19.31
C MET A 69 1.86 16.14 -18.74
N PHE A 70 1.95 15.88 -17.43
CA PHE A 70 1.01 14.94 -16.80
C PHE A 70 -0.43 15.41 -16.85
N GLN A 71 -0.66 16.73 -16.77
CA GLN A 71 -2.03 17.29 -16.86
C GLN A 71 -2.65 17.04 -18.23
N VAL A 72 -1.85 17.33 -19.26
CA VAL A 72 -2.20 17.00 -20.65
C VAL A 72 -2.49 15.49 -20.76
N TYR A 73 -1.54 14.69 -20.28
CA TYR A 73 -1.67 13.21 -20.31
C TYR A 73 -2.96 12.67 -19.67
N ARG A 74 -3.29 13.17 -18.48
CA ARG A 74 -4.48 12.70 -17.76
C ARG A 74 -5.80 12.97 -18.52
N VAL A 75 -5.91 14.16 -19.12
CA VAL A 75 -7.08 14.49 -19.93
C VAL A 75 -7.10 13.63 -21.20
N SER A 76 -5.94 13.47 -21.84
CA SER A 76 -5.85 12.68 -23.08
C SER A 76 -6.08 11.21 -22.82
N PHE A 77 -5.46 10.68 -21.76
CA PHE A 77 -5.71 9.30 -21.33
C PHE A 77 -7.20 9.00 -21.19
N THR A 78 -7.89 9.85 -20.45
CA THR A 78 -9.32 9.66 -20.16
C THR A 78 -10.15 9.61 -21.45
N ARG A 79 -9.99 10.58 -22.35
CA ARG A 79 -10.76 10.57 -23.61
C ARG A 79 -10.34 9.44 -24.56
N ASP A 80 -9.04 9.11 -24.59
CA ASP A 80 -8.55 8.01 -25.45
C ASP A 80 -9.18 6.65 -25.07
N ILE A 81 -9.14 6.31 -23.79
CA ILE A 81 -9.77 5.08 -23.27
C ILE A 81 -11.27 5.02 -23.54
N GLN A 82 -12.00 6.09 -23.26
CA GLN A 82 -13.45 6.13 -23.52
C GLN A 82 -13.82 6.04 -25.01
N GLU A 83 -12.96 6.57 -25.89
CA GLU A 83 -13.10 6.38 -27.33
C GLU A 83 -12.75 4.93 -27.70
N LEU A 84 -11.76 4.34 -27.04
CA LEU A 84 -11.42 2.92 -27.23
C LEU A 84 -12.46 1.94 -26.71
N VAL A 85 -13.30 2.36 -25.76
CA VAL A 85 -14.42 1.54 -25.34
C VAL A 85 -15.37 1.33 -26.52
N LYS A 86 -15.77 2.44 -27.17
CA LYS A 86 -16.68 2.38 -28.33
C LYS A 86 -16.09 1.70 -29.57
N MET A 87 -14.77 1.72 -29.72
CA MET A 87 -14.09 1.01 -30.83
C MET A 87 -14.18 -0.52 -30.68
N MET A 88 -14.14 -1.04 -29.45
CA MET A 88 -14.21 -2.48 -29.19
C MET A 88 -15.38 -2.86 -28.27
N SER A 89 -16.55 -2.29 -28.52
CA SER A 89 -17.81 -2.61 -27.80
C SER A 89 -18.73 -3.44 -28.73
N PRO A 90 -19.56 -4.35 -28.20
CA PRO A 90 -19.65 -4.72 -26.78
C PRO A 90 -18.90 -6.04 -26.46
N LYS A 91 -17.61 -6.10 -26.77
CA LYS A 91 -16.74 -7.20 -26.31
C LYS A 91 -16.56 -7.04 -24.80
N GLU A 92 -15.85 -5.97 -24.41
CA GLU A 92 -15.54 -5.63 -23.02
C GLU A 92 -16.20 -4.28 -22.70
N ASP A 93 -17.27 -4.31 -21.90
CA ASP A 93 -18.02 -3.09 -21.55
C ASP A 93 -17.76 -2.67 -20.10
N TYR A 94 -18.33 -1.54 -19.72
CA TYR A 94 -18.16 -0.97 -18.39
C TYR A 94 -18.74 -1.91 -17.33
N PRO A 95 -18.21 -1.92 -16.11
CA PRO A 95 -17.15 -1.04 -15.64
C PRO A 95 -15.74 -1.53 -16.01
N ILE A 96 -14.84 -0.58 -16.28
CA ILE A 96 -13.45 -0.83 -16.65
C ILE A 96 -12.48 -0.22 -15.62
N GLU A 97 -11.51 -1.02 -15.17
CA GLU A 97 -10.44 -0.56 -14.27
C GLU A 97 -9.12 -0.68 -14.98
N ILE A 98 -8.33 0.40 -14.96
CA ILE A 98 -6.98 0.40 -15.53
C ILE A 98 -6.03 0.87 -14.44
N GLN A 99 -4.85 0.25 -14.41
CA GLN A 99 -3.83 0.57 -13.45
C GLN A 99 -2.54 0.74 -14.21
N LEU A 100 -1.77 1.79 -13.90
CA LEU A 100 -0.40 1.95 -14.35
C LEU A 100 0.55 1.98 -13.17
N SER A 101 1.69 1.33 -13.36
CA SER A 101 2.76 1.31 -12.38
C SER A 101 4.03 1.60 -13.16
N ALA A 102 4.65 2.72 -12.86
CA ALA A 102 5.77 3.19 -13.65
C ALA A 102 6.78 3.77 -12.69
N GLY A 103 8.03 3.67 -13.06
CA GLY A 103 9.10 4.22 -12.27
C GLY A 103 10.42 3.56 -12.53
N CYS A 104 11.25 3.54 -11.51
CA CYS A 104 12.57 2.93 -11.64
C CYS A 104 13.13 2.39 -10.33
N GLU A 105 13.94 1.34 -10.48
CA GLU A 105 14.67 0.73 -9.38
C GLU A 105 16.07 1.35 -9.38
N MET A 106 16.52 1.85 -8.24
CA MET A 106 17.82 2.52 -8.11
C MET A 106 18.84 1.60 -7.44
N TYR A 107 19.87 1.23 -8.20
CA TYR A 107 20.95 0.35 -7.71
C TYR A 107 22.16 1.21 -7.25
N PRO A 108 23.18 0.57 -6.61
CA PRO A 108 24.43 1.31 -6.29
C PRO A 108 25.37 1.45 -7.50
N GLY A 109 26.20 2.49 -7.48
CA GLY A 109 27.03 2.88 -8.62
C GLY A 109 26.24 3.63 -9.68
N ASN A 110 25.23 4.40 -9.25
CA ASN A 110 24.37 5.22 -10.13
C ASN A 110 23.66 4.44 -11.27
N ALA A 111 23.36 3.16 -11.03
CA ALA A 111 22.67 2.32 -12.02
C ALA A 111 21.17 2.29 -11.71
N SER A 112 20.35 2.12 -12.75
CA SER A 112 18.90 1.96 -12.57
C SER A 112 18.24 1.12 -13.68
N GLU A 113 17.10 0.52 -13.36
CA GLU A 113 16.21 -0.13 -14.32
C GLU A 113 14.87 0.57 -14.22
N SER A 114 14.32 0.98 -15.35
CA SER A 114 12.99 1.59 -15.38
C SER A 114 11.92 0.63 -15.89
N PHE A 115 10.67 0.91 -15.53
CA PHE A 115 9.55 0.05 -15.88
C PHE A 115 8.30 0.89 -16.07
N LEU A 116 7.39 0.39 -16.92
CA LEU A 116 6.07 0.97 -17.13
C LEU A 116 5.13 -0.20 -17.43
N HIS A 117 4.27 -0.54 -16.46
CA HIS A 117 3.36 -1.69 -16.58
C HIS A 117 1.92 -1.23 -16.47
N VAL A 118 1.04 -1.88 -17.22
CA VAL A 118 -0.37 -1.54 -17.28
C VAL A 118 -1.18 -2.79 -17.05
N ALA A 119 -2.23 -2.66 -16.24
CA ALA A 119 -3.16 -3.76 -16.01
C ALA A 119 -4.59 -3.34 -16.39
N PHE A 120 -5.34 -4.32 -16.88
CA PHE A 120 -6.74 -4.14 -17.26
C PHE A 120 -7.56 -5.16 -16.47
N GLN A 121 -8.57 -4.67 -15.75
CA GLN A 121 -9.37 -5.48 -14.85
C GLN A 121 -8.53 -6.30 -13.88
N GLY A 122 -7.50 -5.67 -13.34
CA GLY A 122 -6.68 -6.26 -12.30
C GLY A 122 -5.64 -7.22 -12.77
N LYS A 123 -5.42 -7.29 -14.09
CA LYS A 123 -4.49 -8.23 -14.70
C LYS A 123 -3.52 -7.53 -15.64
N TYR A 124 -2.23 -7.82 -15.46
CA TYR A 124 -1.15 -7.27 -16.29
C TYR A 124 -1.34 -7.61 -17.77
N VAL A 125 -1.39 -6.59 -18.63
CA VAL A 125 -1.63 -6.76 -20.08
C VAL A 125 -0.64 -6.08 -21.02
N VAL A 126 -0.11 -4.90 -20.65
CA VAL A 126 0.75 -4.10 -21.52
C VAL A 126 1.94 -3.56 -20.73
N ARG A 127 3.08 -3.41 -21.38
CA ARG A 127 4.21 -2.64 -20.86
C ARG A 127 4.83 -1.76 -21.94
N PHE A 128 5.60 -0.78 -21.51
CA PHE A 128 6.47 -0.08 -22.41
C PHE A 128 7.81 -0.77 -22.31
N TRP A 129 8.45 -1.00 -23.45
CA TRP A 129 9.72 -1.72 -23.46
C TRP A 129 10.58 -1.25 -24.58
N GLY A 130 11.73 -0.68 -24.21
CA GLY A 130 12.65 -0.09 -25.14
C GLY A 130 12.12 1.21 -25.72
N THR A 131 11.50 1.09 -26.89
CA THR A 131 11.00 2.24 -27.65
C THR A 131 9.53 2.10 -28.05
N SER A 132 8.86 1.03 -27.62
CA SER A 132 7.49 0.74 -28.03
C SER A 132 6.64 0.13 -26.89
N TRP A 133 5.34 0.31 -27.03
CA TRP A 133 4.36 -0.37 -26.21
C TRP A 133 4.17 -1.75 -26.75
N GLN A 134 4.03 -2.73 -25.88
CA GLN A 134 3.74 -4.10 -26.31
C GLN A 134 2.85 -4.83 -25.35
N THR A 135 1.88 -5.55 -25.89
CA THR A 135 1.07 -6.49 -25.10
C THR A 135 1.91 -7.65 -24.58
N VAL A 136 1.59 -8.14 -23.38
CA VAL A 136 2.22 -9.35 -22.85
C VAL A 136 1.54 -10.63 -23.36
N PRO A 137 2.31 -11.75 -23.44
CA PRO A 137 1.71 -13.00 -23.89
C PRO A 137 0.50 -13.40 -23.08
N GLY A 138 -0.60 -13.74 -23.76
CA GLY A 138 -1.86 -14.09 -23.10
C GLY A 138 -2.78 -12.91 -22.89
N ALA A 139 -2.36 -11.72 -23.32
CA ALA A 139 -3.24 -10.57 -23.29
C ALA A 139 -4.33 -10.73 -24.33
N PRO A 140 -5.51 -10.18 -24.05
CA PRO A 140 -6.60 -10.36 -25.04
C PRO A 140 -6.24 -9.73 -26.38
N SER A 141 -6.60 -10.40 -27.47
CA SER A 141 -6.13 -10.03 -28.80
C SER A 141 -6.78 -8.77 -29.37
N TRP A 142 -7.89 -8.31 -28.79
CA TRP A 142 -8.46 -7.03 -29.19
C TRP A 142 -7.56 -5.80 -28.88
N LEU A 143 -6.65 -5.94 -27.91
CA LEU A 143 -5.62 -4.95 -27.62
C LEU A 143 -4.54 -4.76 -28.69
N ASP A 144 -4.34 -5.73 -29.58
CA ASP A 144 -3.24 -5.61 -30.56
C ASP A 144 -3.38 -4.40 -31.51
N LEU A 145 -4.60 -4.07 -31.95
CA LEU A 145 -4.81 -2.92 -32.84
C LEU A 145 -4.65 -1.56 -32.13
N PRO A 146 -5.34 -1.33 -30.98
CA PRO A 146 -5.15 -0.10 -30.20
C PRO A 146 -3.69 0.18 -29.83
N ILE A 147 -2.95 -0.87 -29.51
CA ILE A 147 -1.53 -0.77 -29.21
C ILE A 147 -0.69 -0.37 -30.45
N LYS A 148 -1.11 -0.81 -31.63
CA LYS A 148 -0.46 -0.35 -32.87
C LYS A 148 -0.77 1.13 -33.11
N VAL A 149 -2.03 1.52 -32.97
CA VAL A 149 -2.47 2.94 -33.08
C VAL A 149 -1.59 3.84 -32.19
N LEU A 150 -1.36 3.38 -30.97
CA LEU A 150 -0.53 4.13 -30.00
C LEU A 150 0.97 4.12 -30.29
N ASN A 151 1.49 3.00 -30.78
CA ASN A 151 2.90 2.95 -31.20
C ASN A 151 3.20 3.81 -32.44
N ALA A 152 2.16 4.21 -33.20
CA ALA A 152 2.30 5.15 -34.32
C ALA A 152 2.55 6.58 -33.83
N ASP A 153 2.05 6.90 -32.64
CA ASP A 153 2.33 8.17 -31.99
C ASP A 153 3.77 8.16 -31.50
N GLN A 154 4.67 8.57 -32.37
CA GLN A 154 6.09 8.65 -32.05
C GLN A 154 6.44 9.78 -31.05
N GLY A 155 5.62 10.83 -30.96
CA GLY A 155 5.84 11.88 -29.97
C GLY A 155 5.64 11.39 -28.53
N THR A 156 4.58 10.62 -28.31
CA THR A 156 4.33 9.92 -27.04
C THR A 156 5.48 8.96 -26.73
N SER A 157 5.89 8.21 -27.75
CA SER A 157 6.97 7.26 -27.59
C SER A 157 8.29 7.94 -27.13
N ALA A 158 8.68 9.02 -27.81
CA ALA A 158 9.89 9.77 -27.40
C ALA A 158 9.73 10.35 -26.00
N THR A 159 8.55 10.89 -25.69
CA THR A 159 8.31 11.44 -24.35
C THR A 159 8.48 10.36 -23.28
N VAL A 160 7.79 9.23 -23.46
CA VAL A 160 7.86 8.12 -22.50
C VAL A 160 9.29 7.60 -22.37
N GLN A 161 10.02 7.53 -23.48
CA GLN A 161 11.44 7.15 -23.47
C GLN A 161 12.30 8.11 -22.68
N MET A 162 12.03 9.41 -22.78
CA MET A 162 12.71 10.41 -21.97
C MET A 162 12.44 10.23 -20.47
N LEU A 163 11.16 10.03 -20.13
CA LEU A 163 10.73 9.86 -18.75
C LEU A 163 11.38 8.63 -18.09
N LEU A 164 11.38 7.50 -18.78
CA LEU A 164 11.98 6.27 -18.28
C LEU A 164 13.53 6.31 -18.21
N ASN A 165 14.19 6.74 -19.30
CA ASN A 165 15.67 6.73 -19.35
C ASN A 165 16.35 7.86 -18.60
N ASP A 166 15.83 9.09 -18.69
CA ASP A 166 16.49 10.28 -18.14
C ASP A 166 15.84 10.74 -16.85
N THR A 167 14.57 11.14 -16.96
CA THR A 167 13.87 11.91 -15.95
C THR A 167 13.68 11.14 -14.66
N CYS A 168 13.24 9.88 -14.78
CA CYS A 168 12.96 9.06 -13.63
C CYS A 168 14.19 8.87 -12.71
N PRO A 169 15.32 8.36 -13.25
CA PRO A 169 16.52 8.28 -12.39
C PRO A 169 17.05 9.65 -11.95
N LEU A 170 16.95 10.66 -12.80
CA LEU A 170 17.37 12.03 -12.44
C LEU A 170 16.59 12.54 -11.23
N PHE A 171 15.27 12.47 -11.32
CA PHE A 171 14.37 12.93 -10.27
C PHE A 171 14.64 12.20 -8.95
N VAL A 172 14.79 10.87 -9.02
CA VAL A 172 14.99 10.05 -7.83
C VAL A 172 16.34 10.31 -7.14
N ARG A 173 17.41 10.51 -7.90
CA ARG A 173 18.70 10.94 -7.29
C ARG A 173 18.51 12.19 -6.43
N GLY A 174 17.73 13.14 -6.95
CA GLY A 174 17.39 14.32 -6.19
C GLY A 174 16.56 14.04 -4.95
N LEU A 175 15.54 13.19 -5.07
CA LEU A 175 14.69 12.85 -3.92
C LEU A 175 15.53 12.26 -2.77
N LEU A 176 16.43 11.34 -3.10
CA LEU A 176 17.24 10.65 -2.11
C LEU A 176 18.13 11.61 -1.32
N GLU A 177 18.65 12.61 -2.02
CA GLU A 177 19.46 13.66 -1.38
C GLU A 177 18.61 14.54 -0.47
N ALA A 178 17.50 15.04 -1.04
CA ALA A 178 16.65 15.99 -0.36
C ALA A 178 15.82 15.34 0.76
N GLY A 179 15.54 14.04 0.61
CA GLY A 179 14.79 13.27 1.60
C GLY A 179 15.63 12.36 2.48
N LYS A 180 16.94 12.59 2.51
CA LYS A 180 17.88 11.80 3.34
C LYS A 180 17.34 11.53 4.75
N SER A 181 17.08 12.59 5.50
CA SER A 181 16.76 12.45 6.93
C SER A 181 15.46 11.69 7.22
N ASP A 182 14.47 11.77 6.33
CA ASP A 182 13.27 10.93 6.44
C ASP A 182 13.55 9.47 6.05
N LEU A 183 14.25 9.28 4.93
CA LEU A 183 14.51 7.96 4.35
C LEU A 183 15.43 7.14 5.25
N GLU A 184 16.38 7.81 5.89
CA GLU A 184 17.29 7.18 6.83
C GLU A 184 16.79 7.23 8.28
N LYS A 185 15.53 7.63 8.52
CA LYS A 185 15.03 7.74 9.88
C LYS A 185 15.04 6.38 10.60
N GLN A 186 15.16 6.43 11.92
CA GLN A 186 15.13 5.24 12.75
C GLN A 186 14.11 5.49 13.84
N GLU A 187 13.00 4.74 13.82
CA GLU A 187 11.97 4.76 14.88
C GLU A 187 11.99 3.42 15.61
N LYS A 188 11.85 3.50 16.94
CA LYS A 188 12.00 2.34 17.80
C LYS A 188 10.67 1.60 17.96
N PRO A 189 10.74 0.27 17.94
CA PRO A 189 9.54 -0.54 18.17
C PRO A 189 9.18 -0.50 19.64
N VAL A 190 7.88 -0.57 19.91
CA VAL A 190 7.36 -0.89 21.23
C VAL A 190 6.63 -2.21 21.05
N ALA A 191 6.80 -3.11 22.00
CA ALA A 191 6.23 -4.43 21.93
C ALA A 191 5.35 -4.70 23.14
N TRP A 192 4.39 -5.60 22.97
CA TRP A 192 3.54 -6.03 24.07
C TRP A 192 3.01 -7.42 23.78
N LEU A 193 2.61 -8.13 24.84
CA LEU A 193 2.14 -9.50 24.70
C LEU A 193 0.68 -9.59 25.07
N SER A 194 -0.05 -10.44 24.35
CA SER A 194 -1.41 -10.83 24.72
C SER A 194 -1.74 -12.23 24.23
N SER A 195 -3.00 -12.64 24.45
CA SER A 195 -3.52 -13.89 23.89
C SER A 195 -4.93 -13.74 23.30
N VAL A 196 -5.25 -14.64 22.37
CA VAL A 196 -6.54 -14.71 21.70
C VAL A 196 -6.86 -16.21 21.58
N PRO A 197 -8.14 -16.56 21.27
CA PRO A 197 -8.43 -18.00 21.14
C PRO A 197 -7.66 -18.64 19.98
N SER A 198 -7.30 -19.90 20.17
CA SER A 198 -6.65 -20.69 19.14
C SER A 198 -7.74 -21.34 18.27
N SER A 199 -7.40 -21.72 17.04
CA SER A 199 -8.30 -22.57 16.21
C SER A 199 -8.29 -24.05 16.63
N ALA A 200 -7.33 -24.46 17.48
CA ALA A 200 -7.25 -25.80 18.08
C ALA A 200 -7.66 -25.83 19.56
N HIS A 201 -8.26 -26.95 19.98
CA HIS A 201 -8.77 -27.15 21.35
C HIS A 201 -7.63 -27.31 22.37
N GLY A 202 -7.82 -26.81 23.59
CA GLY A 202 -6.82 -26.90 24.67
C GLY A 202 -5.58 -26.01 24.51
N HIS A 203 -5.60 -25.15 23.49
CA HIS A 203 -4.49 -24.31 23.14
C HIS A 203 -4.88 -22.86 23.35
N ARG A 204 -3.86 -22.05 23.57
CA ARG A 204 -4.01 -20.62 23.60
C ARG A 204 -3.03 -20.05 22.55
N GLN A 205 -3.42 -18.98 21.86
CA GLN A 205 -2.53 -18.31 20.92
C GLN A 205 -1.87 -17.10 21.58
N LEU A 206 -0.60 -17.26 21.93
CA LEU A 206 0.22 -16.16 22.42
C LEU A 206 0.58 -15.25 21.25
N VAL A 207 0.50 -13.94 21.47
CA VAL A 207 0.71 -12.95 20.43
C VAL A 207 1.71 -11.93 20.90
N CYS A 208 2.77 -11.74 20.14
CA CYS A 208 3.76 -10.70 20.44
C CYS A 208 3.57 -9.61 19.41
N HIS A 209 3.20 -8.42 19.87
CA HIS A 209 2.90 -7.31 18.97
C HIS A 209 4.13 -6.42 18.98
N VAL A 210 4.46 -5.83 17.84
CA VAL A 210 5.62 -4.97 17.67
C VAL A 210 5.17 -3.82 16.77
N SER A 211 5.31 -2.58 17.23
CA SER A 211 4.71 -1.41 16.56
C SER A 211 5.50 -0.13 16.71
N GLY A 212 5.44 0.71 15.69
CA GLY A 212 6.10 2.01 15.70
C GLY A 212 7.51 1.98 15.18
N PHE A 213 7.92 0.88 14.52
CA PHE A 213 9.31 0.74 14.09
C PHE A 213 9.49 1.18 12.66
N TYR A 214 10.67 1.71 12.37
CA TYR A 214 11.08 2.10 11.01
C TYR A 214 12.61 2.08 10.95
N PRO A 215 13.26 1.54 9.92
CA PRO A 215 12.66 1.02 8.69
C PRO A 215 12.08 -0.38 8.84
N LYS A 216 11.58 -0.94 7.76
CA LYS A 216 10.78 -2.19 7.80
C LYS A 216 11.49 -3.42 8.43
N PRO A 217 12.78 -3.67 8.07
CA PRO A 217 13.36 -4.96 8.50
C PRO A 217 13.36 -5.14 10.03
N VAL A 218 12.86 -6.29 10.50
CA VAL A 218 12.74 -6.57 11.93
C VAL A 218 12.80 -8.07 12.21
N TRP A 219 13.25 -8.43 13.41
CA TRP A 219 13.32 -9.83 13.83
C TRP A 219 12.50 -9.96 15.09
N VAL A 220 11.63 -10.97 15.13
CA VAL A 220 10.74 -11.22 16.26
C VAL A 220 10.60 -12.74 16.46
N MET A 221 10.97 -13.26 17.63
CA MET A 221 10.83 -14.69 17.88
C MET A 221 10.36 -15.00 19.29
N TRP A 222 9.47 -15.97 19.40
CA TRP A 222 9.20 -16.59 20.66
C TRP A 222 10.37 -17.49 21.06
N MET A 223 10.74 -17.39 22.34
CA MET A 223 11.91 -18.03 22.89
C MET A 223 11.59 -18.77 24.18
N ARG A 224 12.27 -19.88 24.39
CA ARG A 224 12.32 -20.56 25.66
C ARG A 224 13.83 -20.64 25.98
N GLY A 225 14.33 -19.68 26.76
CA GLY A 225 15.77 -19.51 26.99
C GLY A 225 16.47 -19.02 25.73
N ASP A 226 17.50 -19.76 25.29
CA ASP A 226 18.16 -19.57 23.98
C ASP A 226 17.50 -20.37 22.84
N GLN A 227 16.47 -21.18 23.13
CA GLN A 227 15.83 -22.00 22.10
C GLN A 227 14.82 -21.12 21.36
N GLU A 228 15.02 -20.98 20.05
CA GLU A 228 14.03 -20.36 19.18
C GLU A 228 12.84 -21.28 19.10
N GLN A 229 11.62 -20.74 19.23
CA GLN A 229 10.40 -21.56 19.13
C GLN A 229 9.94 -21.57 17.67
N GLN A 230 10.12 -22.71 17.02
CA GLN A 230 9.89 -22.82 15.59
C GLN A 230 8.41 -22.78 15.23
N GLY A 231 7.55 -22.86 16.22
CA GLY A 231 6.12 -22.55 16.05
C GLY A 231 5.73 -21.09 15.87
N THR A 232 6.68 -20.17 16.11
CA THR A 232 6.51 -18.73 15.84
C THR A 232 6.01 -18.50 14.43
N HIS A 233 4.78 -17.96 14.33
CA HIS A 233 4.20 -17.59 13.05
C HIS A 233 4.20 -16.05 12.91
N ARG A 234 5.09 -15.57 12.07
CA ARG A 234 5.22 -14.14 11.81
C ARG A 234 4.12 -13.73 10.81
N GLY A 235 3.41 -12.65 11.09
CA GLY A 235 2.36 -12.12 10.21
C GLY A 235 2.95 -11.14 9.22
N ASP A 236 2.10 -10.41 8.51
CA ASP A 236 2.54 -9.40 7.56
C ASP A 236 2.88 -8.09 8.25
N PHE A 237 3.69 -7.29 7.56
CA PHE A 237 3.89 -5.90 7.92
C PHE A 237 2.59 -5.12 7.60
N LEU A 238 2.07 -4.43 8.61
CA LEU A 238 0.83 -3.67 8.53
C LEU A 238 1.19 -2.22 8.84
N PRO A 239 0.76 -1.30 7.97
CA PRO A 239 1.23 0.06 8.19
C PRO A 239 0.49 0.74 9.34
N ASN A 240 1.21 1.52 10.14
CA ASN A 240 0.58 2.48 11.03
C ASN A 240 0.33 3.76 10.23
N ALA A 241 -0.52 4.65 10.73
CA ALA A 241 -0.81 5.91 10.01
C ALA A 241 0.28 6.99 10.12
N ASP A 242 1.31 6.77 10.94
CA ASP A 242 2.40 7.74 11.15
C ASP A 242 3.72 7.32 10.51
N GLU A 243 3.63 6.56 9.40
CA GLU A 243 4.81 6.09 8.66
C GLU A 243 5.79 5.29 9.54
N THR A 244 5.22 4.40 10.33
CA THR A 244 5.95 3.35 11.01
C THR A 244 5.22 2.05 10.73
N TRP A 245 5.87 0.96 11.11
CA TRP A 245 5.36 -0.37 10.80
C TRP A 245 4.82 -1.11 12.03
N TYR A 246 3.95 -2.07 11.77
CA TYR A 246 3.38 -2.93 12.79
C TYR A 246 3.50 -4.35 12.30
N LEU A 247 3.79 -5.25 13.23
CA LEU A 247 3.87 -6.68 12.91
C LEU A 247 3.56 -7.45 14.19
N GLN A 248 3.03 -8.64 14.05
CA GLN A 248 2.87 -9.51 15.21
C GLN A 248 3.34 -10.93 14.90
N ALA A 249 3.91 -11.57 15.90
CA ALA A 249 4.30 -12.96 15.80
C ALA A 249 3.50 -13.75 16.84
N THR A 250 2.95 -14.89 16.42
CA THR A 250 2.13 -15.72 17.27
C THR A 250 2.74 -17.10 17.53
N LEU A 251 2.31 -17.71 18.63
CA LEU A 251 2.72 -19.04 19.01
C LEU A 251 1.50 -19.68 19.66
N ASP A 252 1.03 -20.79 19.10
CA ASP A 252 -0.05 -21.57 19.70
C ASP A 252 0.57 -22.53 20.66
N VAL A 253 0.16 -22.48 21.92
CA VAL A 253 0.74 -23.33 22.97
C VAL A 253 -0.32 -24.06 23.77
N GLU A 254 0.01 -25.29 24.17
CA GLU A 254 -0.85 -26.06 25.06
C GLU A 254 -1.06 -25.31 26.38
N ALA A 255 -2.19 -25.56 27.01
CA ALA A 255 -2.48 -25.04 28.35
C ALA A 255 -1.45 -25.58 29.35
N GLY A 256 -0.99 -24.74 30.26
CA GLY A 256 0.05 -25.12 31.22
C GLY A 256 1.47 -24.90 30.74
N GLU A 257 1.70 -25.05 29.43
CA GLU A 257 3.04 -24.89 28.84
C GLU A 257 3.47 -23.42 28.54
N GLU A 258 2.69 -22.43 28.95
CA GLU A 258 3.03 -21.03 28.69
C GLU A 258 4.27 -20.53 29.44
N ALA A 259 4.46 -21.00 30.66
CA ALA A 259 5.54 -20.54 31.54
C ALA A 259 6.93 -20.76 30.92
N GLY A 260 7.81 -19.77 31.10
CA GLY A 260 9.14 -19.75 30.50
C GLY A 260 9.26 -19.10 29.12
N LEU A 261 8.13 -18.82 28.46
CA LEU A 261 8.15 -18.23 27.13
C LEU A 261 8.48 -16.74 27.17
N ALA A 262 9.16 -16.27 26.12
CA ALA A 262 9.57 -14.89 25.96
C ALA A 262 9.53 -14.50 24.50
N CYS A 263 9.19 -13.24 24.23
CA CYS A 263 9.25 -12.71 22.88
C CYS A 263 10.44 -11.78 22.77
N ARG A 264 11.22 -11.94 21.72
CA ARG A 264 12.47 -11.24 21.57
C ARG A 264 12.47 -10.50 20.22
N VAL A 265 12.80 -9.21 20.26
CA VAL A 265 12.70 -8.31 19.12
C VAL A 265 14.06 -7.65 18.86
N LYS A 266 14.55 -7.78 17.62
CA LYS A 266 15.76 -7.10 17.16
C LYS A 266 15.38 -6.10 16.08
N HIS A 267 16.00 -4.92 16.15
CA HIS A 267 15.75 -3.87 15.20
C HIS A 267 16.92 -2.93 15.18
N SER A 268 17.20 -2.38 14.01
CA SER A 268 18.35 -1.52 13.80
C SER A 268 18.38 -0.25 14.68
N SER A 269 17.21 0.24 15.07
CA SER A 269 17.08 1.44 15.93
C SER A 269 17.38 1.22 17.41
N LEU A 270 17.50 -0.04 17.82
CA LEU A 270 17.80 -0.37 19.20
C LEU A 270 19.28 -0.56 19.43
N GLY A 271 20.06 -0.76 18.36
CA GLY A 271 21.52 -0.81 18.40
C GLY A 271 22.05 -1.89 19.31
N GLY A 272 21.64 -3.13 19.05
CA GLY A 272 22.03 -4.30 19.88
C GLY A 272 21.22 -4.56 21.14
N GLN A 273 20.47 -3.55 21.61
CA GLN A 273 19.69 -3.63 22.85
C GLN A 273 18.28 -4.21 22.57
N ASP A 274 18.20 -5.53 22.38
CA ASP A 274 16.94 -6.21 22.04
C ASP A 274 15.87 -6.00 23.11
N ILE A 275 14.61 -5.89 22.70
CA ILE A 275 13.51 -5.94 23.64
C ILE A 275 13.23 -7.40 23.91
N ILE A 276 13.04 -7.75 25.19
CA ILE A 276 12.65 -9.10 25.58
C ILE A 276 11.52 -8.99 26.60
N LEU A 277 10.36 -9.52 26.23
CA LEU A 277 9.20 -9.57 27.12
C LEU A 277 9.00 -11.04 27.51
N TYR A 278 8.55 -11.28 28.75
CA TYR A 278 8.29 -12.61 29.27
C TYR A 278 6.81 -12.76 29.55
N TRP A 279 6.25 -13.91 29.20
CA TRP A 279 4.86 -14.23 29.52
C TRP A 279 4.67 -14.56 31.02
N GLN B 2 -12.36 -9.99 -10.07
CA GLN B 2 -13.07 -9.61 -8.79
C GLN B 2 -12.48 -10.30 -7.53
N LYS B 3 -12.28 -9.55 -6.46
CA LYS B 3 -11.44 -10.00 -5.32
C LYS B 3 -11.91 -9.50 -3.95
N THR B 4 -11.95 -10.43 -2.99
CA THR B 4 -12.50 -10.21 -1.67
C THR B 4 -11.48 -9.50 -0.76
N PRO B 5 -11.89 -8.42 -0.08
CA PRO B 5 -10.95 -7.77 0.84
C PRO B 5 -10.67 -8.58 2.10
N GLN B 6 -9.39 -8.69 2.46
CA GLN B 6 -8.98 -9.08 3.81
C GLN B 6 -8.93 -7.83 4.70
N ILE B 7 -9.30 -8.02 5.98
CA ILE B 7 -9.36 -6.97 6.99
C ILE B 7 -8.58 -7.37 8.26
N GLN B 8 -7.70 -6.49 8.72
CA GLN B 8 -6.89 -6.68 9.92
C GLN B 8 -7.08 -5.44 10.80
N VAL B 9 -7.25 -5.67 12.10
CA VAL B 9 -7.52 -4.60 13.05
C VAL B 9 -6.48 -4.68 14.18
N TYR B 10 -5.88 -3.54 14.49
CA TYR B 10 -4.78 -3.50 15.46
C TYR B 10 -4.61 -2.11 16.01
N SER B 11 -4.13 -2.01 17.24
CA SER B 11 -3.82 -0.71 17.85
C SER B 11 -2.38 -0.28 17.54
N ARG B 12 -2.19 1.04 17.51
CA ARG B 12 -0.87 1.64 17.29
C ARG B 12 0.07 1.45 18.49
N HIS B 13 -0.47 1.57 19.69
CA HIS B 13 0.25 1.47 20.92
C HIS B 13 -0.32 0.31 21.74
N PRO B 14 0.45 -0.20 22.71
CA PRO B 14 -0.14 -1.18 23.64
C PRO B 14 -1.39 -0.60 24.32
N PRO B 15 -2.53 -1.31 24.28
CA PRO B 15 -3.76 -0.75 24.87
C PRO B 15 -3.78 -0.74 26.40
N GLU B 16 -3.85 0.46 26.96
CA GLU B 16 -4.10 0.69 28.39
C GLU B 16 -5.45 1.37 28.47
N ASN B 17 -6.31 0.88 29.35
CA ASN B 17 -7.63 1.51 29.57
C ASN B 17 -7.51 2.96 30.01
N GLY B 18 -8.26 3.81 29.33
CA GLY B 18 -8.24 5.23 29.62
C GLY B 18 -6.99 5.97 29.18
N LYS B 19 -6.19 5.38 28.30
CA LYS B 19 -5.08 6.10 27.69
C LYS B 19 -5.34 6.24 26.20
N PRO B 20 -5.19 7.46 25.65
CA PRO B 20 -5.41 7.65 24.21
C PRO B 20 -4.58 6.71 23.34
N ASN B 21 -5.14 6.30 22.22
CA ASN B 21 -4.52 5.32 21.35
C ASN B 21 -5.08 5.53 19.95
N ILE B 22 -4.56 4.79 18.97
CA ILE B 22 -5.10 4.81 17.62
C ILE B 22 -5.42 3.39 17.21
N LEU B 23 -6.60 3.18 16.62
CA LEU B 23 -7.06 1.87 16.16
C LEU B 23 -7.01 1.89 14.64
N ASN B 24 -6.34 0.91 14.05
CA ASN B 24 -6.10 0.84 12.61
C ASN B 24 -6.95 -0.25 12.03
N CYS B 25 -7.39 -0.03 10.79
CA CYS B 25 -8.08 -1.05 10.03
C CYS B 25 -7.51 -1.05 8.62
N TYR B 26 -6.71 -2.06 8.34
CA TYR B 26 -5.99 -2.20 7.09
C TYR B 26 -6.72 -3.21 6.24
N VAL B 27 -7.22 -2.74 5.10
CA VAL B 27 -8.00 -3.55 4.17
C VAL B 27 -7.19 -3.75 2.89
N THR B 28 -6.95 -5.02 2.55
CA THR B 28 -6.07 -5.41 1.44
C THR B 28 -6.74 -6.37 0.47
N GLN B 29 -6.01 -6.69 -0.60
CA GLN B 29 -6.32 -7.78 -1.53
C GLN B 29 -7.64 -7.64 -2.28
N PHE B 30 -8.20 -6.42 -2.39
CA PHE B 30 -9.52 -6.28 -3.03
C PHE B 30 -9.43 -5.75 -4.46
N HIS B 31 -10.51 -6.00 -5.19
CA HIS B 31 -10.68 -5.52 -6.54
C HIS B 31 -12.14 -5.67 -6.91
N PRO B 32 -12.86 -4.63 -7.30
CA PRO B 32 -12.33 -3.32 -7.76
C PRO B 32 -12.08 -2.31 -6.63
N PRO B 33 -11.50 -1.14 -6.95
CA PRO B 33 -11.15 -0.16 -5.90
C PRO B 33 -12.30 0.48 -5.12
N HIS B 34 -13.55 0.29 -5.52
CA HIS B 34 -14.70 0.97 -4.91
C HIS B 34 -15.11 0.16 -3.69
N ILE B 35 -15.13 0.80 -2.53
CA ILE B 35 -15.22 0.11 -1.24
C ILE B 35 -15.74 1.08 -0.17
N GLU B 36 -16.48 0.56 0.80
CA GLU B 36 -16.87 1.34 1.97
C GLU B 36 -16.36 0.65 3.22
N ILE B 37 -15.67 1.44 4.04
CA ILE B 37 -15.03 1.01 5.28
C ILE B 37 -15.66 1.88 6.38
N GLN B 38 -16.17 1.21 7.41
CA GLN B 38 -16.70 1.87 8.59
C GLN B 38 -16.00 1.27 9.79
N MET B 39 -15.66 2.11 10.76
CA MET B 39 -15.18 1.61 12.04
C MET B 39 -16.30 1.79 13.05
N LEU B 40 -16.47 0.77 13.90
CA LEU B 40 -17.59 0.65 14.82
C LEU B 40 -17.14 0.58 16.28
N LYS B 41 -17.88 1.26 17.14
CA LYS B 41 -17.73 1.22 18.58
C LYS B 41 -19.07 0.74 19.12
N ASN B 42 -19.06 -0.35 19.87
CA ASN B 42 -20.31 -0.99 20.36
C ASN B 42 -21.43 -1.06 19.31
N GLY B 43 -21.06 -1.34 18.05
CA GLY B 43 -22.02 -1.49 16.98
C GLY B 43 -22.46 -0.20 16.28
N LYS B 44 -22.09 0.98 16.80
CA LYS B 44 -22.37 2.23 16.11
C LYS B 44 -21.14 2.74 15.36
N LYS B 45 -21.39 3.34 14.22
CA LYS B 45 -20.35 3.90 13.37
C LYS B 45 -19.63 5.06 14.08
N ILE B 46 -18.29 5.07 13.98
CA ILE B 46 -17.49 6.16 14.51
C ILE B 46 -17.36 7.22 13.41
N PRO B 47 -17.80 8.47 13.68
CA PRO B 47 -17.88 9.46 12.59
C PRO B 47 -16.54 10.01 12.06
N LYS B 48 -15.60 10.37 12.94
CA LYS B 48 -14.34 10.96 12.46
C LYS B 48 -13.30 9.83 12.29
N VAL B 49 -13.15 9.40 11.03
CA VAL B 49 -12.24 8.32 10.66
C VAL B 49 -11.40 8.81 9.48
N GLU B 50 -10.09 8.80 9.66
CA GLU B 50 -9.15 9.18 8.62
C GLU B 50 -8.85 7.99 7.73
N MET B 51 -8.74 8.25 6.43
CA MET B 51 -8.43 7.26 5.43
C MET B 51 -7.14 7.68 4.75
N SER B 52 -6.26 6.71 4.45
CA SER B 52 -5.09 6.98 3.61
C SER B 52 -5.55 7.04 2.15
N ASP B 53 -4.65 7.45 1.26
CA ASP B 53 -4.92 7.36 -0.16
C ASP B 53 -4.94 5.90 -0.57
N MET B 54 -5.83 5.57 -1.51
CA MET B 54 -5.81 4.23 -2.04
C MET B 54 -4.55 3.99 -2.86
N SER B 55 -4.06 2.77 -2.77
CA SER B 55 -2.85 2.36 -3.42
C SER B 55 -3.02 0.88 -3.83
N PHE B 56 -2.00 0.31 -4.46
CA PHE B 56 -2.03 -1.10 -4.78
C PHE B 56 -0.63 -1.74 -4.79
N SER B 57 -0.60 -3.07 -4.69
CA SER B 57 0.63 -3.84 -4.52
C SER B 57 1.16 -4.29 -5.86
N LYS B 58 2.37 -4.89 -5.83
CA LYS B 58 2.96 -5.57 -6.99
C LYS B 58 2.02 -6.52 -7.72
N ASP B 59 1.09 -7.16 -6.99
CA ASP B 59 0.10 -8.07 -7.61
C ASP B 59 -1.18 -7.38 -8.10
N TRP B 60 -1.18 -6.04 -8.09
CA TRP B 60 -2.29 -5.19 -8.57
C TRP B 60 -3.51 -5.10 -7.66
N SER B 61 -3.50 -5.76 -6.52
CA SER B 61 -4.64 -5.73 -5.62
C SER B 61 -4.57 -4.42 -4.79
N PHE B 62 -5.72 -3.86 -4.47
CA PHE B 62 -5.77 -2.57 -3.78
C PHE B 62 -5.63 -2.68 -2.28
N TYR B 63 -5.14 -1.61 -1.67
CA TYR B 63 -5.14 -1.49 -0.21
C TYR B 63 -5.29 -0.07 0.25
N ILE B 64 -5.68 0.06 1.50
CA ILE B 64 -6.04 1.32 2.09
C ILE B 64 -6.09 1.16 3.58
N LEU B 65 -5.66 2.20 4.30
CA LEU B 65 -5.62 2.20 5.76
C LEU B 65 -6.64 3.18 6.32
N ALA B 66 -7.55 2.67 7.14
CA ALA B 66 -8.42 3.50 7.99
C ALA B 66 -7.85 3.54 9.41
N HIS B 67 -7.93 4.70 10.05
CA HIS B 67 -7.57 4.80 11.45
C HIS B 67 -8.43 5.83 12.18
N THR B 68 -8.51 5.68 13.50
CA THR B 68 -9.28 6.61 14.31
C THR B 68 -8.69 6.73 15.72
N GLU B 69 -8.84 7.90 16.31
CA GLU B 69 -8.50 8.11 17.71
C GLU B 69 -9.49 7.37 18.59
N PHE B 70 -8.98 6.67 19.60
CA PHE B 70 -9.82 6.01 20.57
C PHE B 70 -9.07 5.87 21.89
N THR B 71 -9.80 5.80 22.99
CA THR B 71 -9.20 5.44 24.24
C THR B 71 -9.97 4.24 24.77
N PRO B 72 -9.30 3.06 24.84
CA PRO B 72 -10.02 1.85 25.23
C PRO B 72 -10.51 1.87 26.66
N THR B 73 -11.52 1.05 26.92
CA THR B 73 -12.06 0.82 28.26
C THR B 73 -12.18 -0.69 28.43
N GLU B 74 -12.66 -1.15 29.57
CA GLU B 74 -12.89 -2.58 29.77
C GLU B 74 -14.07 -3.11 28.95
N THR B 75 -15.13 -2.31 28.80
CA THR B 75 -16.36 -2.82 28.16
C THR B 75 -16.61 -2.38 26.71
N ASP B 76 -15.82 -1.45 26.17
CA ASP B 76 -16.07 -0.99 24.80
C ASP B 76 -15.53 -2.01 23.79
N THR B 77 -16.36 -2.37 22.80
CA THR B 77 -15.92 -3.26 21.73
C THR B 77 -15.87 -2.50 20.40
N TYR B 78 -14.82 -2.80 19.64
CA TYR B 78 -14.49 -2.11 18.41
C TYR B 78 -14.45 -3.07 17.23
N ALA B 79 -14.89 -2.59 16.07
CA ALA B 79 -14.83 -3.38 14.86
C ALA B 79 -14.61 -2.54 13.63
N CYS B 80 -14.28 -3.21 12.54
CA CYS B 80 -14.17 -2.61 11.24
C CYS B 80 -15.07 -3.42 10.30
N ARG B 81 -15.99 -2.73 9.62
CA ARG B 81 -16.94 -3.35 8.72
C ARG B 81 -16.67 -2.83 7.33
N VAL B 82 -16.69 -3.72 6.34
CA VAL B 82 -16.39 -3.39 4.95
C VAL B 82 -17.54 -3.84 4.02
N LYS B 83 -18.08 -2.92 3.23
CA LYS B 83 -18.98 -3.26 2.11
C LYS B 83 -18.20 -3.21 0.79
N HIS B 84 -18.31 -4.27 0.00
CA HIS B 84 -17.64 -4.37 -1.28
C HIS B 84 -18.40 -5.30 -2.20
N ALA B 85 -18.30 -5.07 -3.50
CA ALA B 85 -19.12 -5.79 -4.50
C ALA B 85 -18.77 -7.29 -4.67
N SER B 86 -17.59 -7.69 -4.21
CA SER B 86 -17.23 -9.11 -4.13
C SER B 86 -17.96 -9.89 -3.03
N MET B 87 -18.70 -9.21 -2.16
CA MET B 87 -19.38 -9.84 -1.03
C MET B 87 -20.83 -9.41 -0.97
N ALA B 88 -21.72 -10.40 -0.95
CA ALA B 88 -23.14 -10.17 -0.81
C ALA B 88 -23.44 -9.59 0.58
N GLU B 89 -22.74 -10.07 1.60
CA GLU B 89 -22.81 -9.51 2.96
C GLU B 89 -21.59 -8.64 3.29
N PRO B 90 -21.77 -7.61 4.13
CA PRO B 90 -20.61 -6.92 4.75
C PRO B 90 -19.75 -7.84 5.62
N LYS B 91 -18.43 -7.69 5.56
CA LYS B 91 -17.53 -8.47 6.40
C LYS B 91 -17.15 -7.59 7.58
N THR B 92 -17.28 -8.13 8.79
CA THR B 92 -16.91 -7.46 10.02
C THR B 92 -15.76 -8.23 10.70
N VAL B 93 -14.72 -7.50 11.12
CA VAL B 93 -13.64 -8.08 11.88
C VAL B 93 -13.55 -7.25 13.15
N TYR B 94 -13.55 -7.95 14.29
CA TYR B 94 -13.46 -7.32 15.61
C TYR B 94 -12.02 -7.14 16.03
N TRP B 95 -11.77 -6.11 16.81
CA TRP B 95 -10.47 -5.90 17.41
C TRP B 95 -10.23 -6.96 18.50
N ASP B 96 -9.05 -7.59 18.45
CA ASP B 96 -8.72 -8.83 19.20
C ASP B 96 -8.72 -8.77 20.75
N ARG B 97 -8.02 -7.78 21.31
CA ARG B 97 -7.84 -7.66 22.78
C ARG B 97 -7.82 -8.96 23.58
C1 NAG C . 15.92 4.33 -23.70
C2 NAG C . 16.42 4.67 -25.11
C3 NAG C . 16.07 3.53 -26.06
C4 NAG C . 16.62 2.21 -25.54
C5 NAG C . 16.25 1.97 -24.08
C6 NAG C . 17.00 0.80 -23.44
C7 NAG C . 16.31 7.12 -25.33
C8 NAG C . 15.53 8.28 -25.85
N2 NAG C . 15.80 5.90 -25.57
O3 NAG C . 16.59 3.82 -27.37
O4 NAG C . 16.08 1.17 -26.36
O5 NAG C . 16.51 3.12 -23.27
O6 NAG C . 16.06 0.06 -22.64
O7 NAG C . 17.36 7.29 -24.72
C1 NAG C . 17.10 0.42 -27.05
C2 NAG C . 16.50 -0.90 -27.53
C3 NAG C . 17.47 -1.66 -28.45
C4 NAG C . 18.16 -0.76 -29.48
C5 NAG C . 18.81 0.39 -28.69
C6 NAG C . 19.75 1.32 -29.46
C7 NAG C . 15.26 -2.59 -26.25
C8 NAG C . 15.23 -3.36 -24.97
N2 NAG C . 16.26 -1.73 -26.38
O3 NAG C . 16.75 -2.71 -29.12
O4 NAG C . 19.09 -1.54 -30.27
O5 NAG C . 17.71 1.12 -28.13
O6 NAG C . 19.06 2.40 -30.10
O7 NAG C . 14.39 -2.76 -27.08
C1 NAG D . -22.74 6.33 -14.32
C2 NAG D . -24.24 6.47 -14.06
C3 NAG D . -24.50 7.20 -12.72
C4 NAG D . -23.71 6.56 -11.57
C5 NAG D . -22.24 6.56 -11.95
C6 NAG D . -21.30 5.98 -10.88
C7 NAG D . -25.38 6.64 -16.28
C8 NAG D . -25.99 7.61 -17.25
N2 NAG D . -24.90 7.19 -15.14
O3 NAG D . -25.90 7.20 -12.45
O4 NAG D . -23.95 7.24 -10.32
O5 NAG D . -22.08 5.78 -13.16
O6 NAG D . -21.44 4.57 -10.79
O7 NAG D . -25.33 5.46 -16.54
C1 NAG E . -12.70 13.71 -12.54
C2 NAG E . -14.21 13.92 -12.41
C3 NAG E . -14.79 14.40 -13.74
C4 NAG E . -14.10 15.69 -14.14
C5 NAG E . -12.66 15.27 -14.37
C6 NAG E . -11.80 16.34 -15.02
C7 NAG E . -15.50 12.60 -10.81
C8 NAG E . -16.17 11.29 -10.57
N2 NAG E . -14.90 12.72 -11.98
O3 NAG E . -16.20 14.56 -13.60
O4 NAG E . -14.71 16.38 -15.26
O5 NAG E . -12.12 14.90 -13.08
O6 NAG E . -11.74 17.48 -14.17
O7 NAG E . -15.51 13.48 -9.97
O6 EL7 F . 2.83 13.43 -29.68
C6 EL7 F . 3.70 8.34 -18.34
C5 EL7 F . 2.65 8.36 -19.49
C7 EL7 F . 3.36 7.60 -17.03
C4 EL7 F . 2.95 9.71 -20.18
O2 EL7 F . -2.53 8.67 -26.30
C2 EL7 F . 2.84 11.18 -22.11
N1 EL7 F . -1.74 5.54 -22.18
C38 EL7 F . 3.79 12.08 -10.96
C37 EL7 F . 2.36 11.51 -11.00
C36 EL7 F . 2.34 10.63 -12.25
C35 EL7 F . 0.98 9.91 -12.30
C43 EL7 F . 0.78 9.15 -13.64
C42 EL7 F . 2.08 8.42 -14.10
C41 EL7 F . 1.74 7.28 -15.11
C40 EL7 F . 1.89 7.70 -16.60
C3 EL7 F . 2.47 9.75 -21.64
C1 EL7 F . 2.43 11.36 -23.60
C20 EL7 F . 0.97 11.87 -23.76
O EL7 F . 0.43 12.57 -22.90
N2 EL7 F . 0.34 11.54 -24.91
C27 EL7 F . -1.07 11.94 -25.20
C28 EL7 F . -1.15 13.30 -25.89
O4 EL7 F . -0.57 13.20 -27.18
C31 EL7 F . -0.36 14.43 -27.88
O9 EL7 F . 0.22 15.48 -27.05
C30 EL7 F . 1.60 15.26 -26.56
C29 EL7 F . 2.05 16.46 -25.69
O8 EL7 F . 2.75 16.04 -24.49
C34 EL7 F . 2.55 14.95 -27.74
O7 EL7 F . 2.71 16.11 -28.60
C33 EL7 F . 1.98 13.77 -28.57
C32 EL7 F . 0.55 14.12 -29.08
O5 EL7 F . 0.01 13.02 -29.85
C26 EL7 F . -1.74 10.88 -26.09
O3 EL7 F . -3.12 11.23 -26.29
C25 EL7 F . -1.63 9.47 -25.51
C24 EL7 F . -2.00 9.45 -24.03
C23 EL7 F . -2.73 8.18 -23.63
C22 EL7 F . -2.01 6.94 -24.15
C21 EL7 F . -1.11 6.36 -23.03
O1 EL7 F . 0.10 6.62 -22.99
C19 EL7 F . -1.06 4.84 -21.10
C18 EL7 F . -1.35 3.34 -21.20
C17 EL7 F . -1.49 2.84 -22.65
C16 EL7 F . -1.95 1.40 -22.63
C15 EL7 F . -3.44 1.30 -22.27
C14 EL7 F . -3.95 -0.05 -22.77
C13 EL7 F . -5.42 -0.38 -22.61
C12 EL7 F . -5.75 -1.47 -21.83
C11 EL7 F . -7.09 -1.83 -21.67
C10 EL7 F . -8.10 -1.09 -22.28
C9 EL7 F . -7.76 0.01 -23.06
C8 EL7 F . -6.42 0.37 -23.24
#